data_5PO4
#
_entry.id   5PO4
#
_cell.length_a   55.282
_cell.length_b   56.169
_cell.length_c   101.871
_cell.angle_alpha   90.000
_cell.angle_beta   90.000
_cell.angle_gamma   90.000
#
_symmetry.space_group_name_H-M   'P 21 21 21'
#
loop_
_entity.id
_entity.type
_entity.pdbx_description
1 polymer 'Bromodomain-containing protein 1'
2 non-polymer 1,2-ETHANEDIOL
3 non-polymer 'SODIUM ION'
4 non-polymer '(4-nitrophenyl)methyl carbamimidothioate'
5 water water
#
_entity_poly.entity_id   1
_entity_poly.type   'polypeptide(L)'
_entity_poly.pdbx_seq_one_letter_code
;MHHHHHHSSGVDLGTENLYFQSMEQVAMELRLTELTRLLRSVLDQLQDKDPARIFAQPVSLKEVPDYLDHIKHPMDFATM
RKRLEAQGYKNLHEFEEDFDLIIDNCMKYNARDTVFYRAAVRLRDQGGVVLRQARREVDSIGLEEASGMHLPERPA
;
_entity_poly.pdbx_strand_id   A,B
#
# COMPACT_ATOMS: atom_id res chain seq x y z
N SER A 22 25.54 -8.72 25.22
CA SER A 22 24.72 -9.26 26.29
C SER A 22 24.04 -10.55 25.86
N MET A 23 23.58 -11.32 26.84
CA MET A 23 22.90 -12.57 26.54
CA MET A 23 22.88 -12.57 26.55
C MET A 23 21.53 -12.29 25.90
N GLU A 24 20.86 -11.25 26.37
CA GLU A 24 19.56 -10.88 25.81
C GLU A 24 19.67 -10.57 24.31
N GLN A 25 20.74 -9.86 23.95
CA GLN A 25 20.96 -9.51 22.55
C GLN A 25 21.14 -10.75 21.68
N VAL A 26 21.95 -11.69 22.15
CA VAL A 26 22.15 -12.97 21.47
C VAL A 26 20.84 -13.75 21.29
N ALA A 27 19.97 -13.71 22.30
CA ALA A 27 18.71 -14.42 22.22
C ALA A 27 17.78 -13.80 21.18
N MET A 28 17.77 -12.47 21.13
CA MET A 28 16.99 -11.76 20.11
C MET A 28 17.54 -12.09 18.73
N GLU A 29 18.86 -12.17 18.63
CA GLU A 29 19.49 -12.50 17.36
C GLU A 29 19.15 -13.92 16.92
N LEU A 30 19.05 -14.84 17.88
CA LEU A 30 18.63 -16.21 17.56
C LEU A 30 17.19 -16.26 17.05
N ARG A 31 16.33 -15.44 17.65
CA ARG A 31 14.94 -15.35 17.22
C ARG A 31 14.86 -14.84 15.79
N LEU A 32 15.66 -13.82 15.47
CA LEU A 32 15.72 -13.30 14.10
C LEU A 32 16.23 -14.34 13.12
N THR A 33 17.23 -15.12 13.54
CA THR A 33 17.75 -16.18 12.68
C THR A 33 16.69 -17.25 12.44
N GLU A 34 15.91 -17.54 13.48
CA GLU A 34 14.84 -18.51 13.38
C GLU A 34 13.76 -18.01 12.42
N LEU A 35 13.39 -16.74 12.56
CA LEU A 35 12.40 -16.14 11.66
C LEU A 35 12.88 -16.20 10.22
N THR A 36 14.17 -15.93 10.02
CA THR A 36 14.75 -15.91 8.68
C THR A 36 14.67 -17.30 8.05
N ARG A 37 14.92 -18.34 8.84
CA ARG A 37 14.79 -19.71 8.35
C ARG A 37 13.36 -20.01 7.90
N LEU A 38 12.38 -19.60 8.70
CA LEU A 38 10.98 -19.83 8.36
C LEU A 38 10.59 -19.06 7.10
N LEU A 39 10.98 -17.78 7.02
CA LEU A 39 10.66 -16.94 5.87
C LEU A 39 11.35 -17.45 4.60
N ARG A 40 12.52 -18.08 4.74
CA ARG A 40 13.17 -18.65 3.58
C ARG A 40 12.32 -19.78 3.00
N SER A 41 11.76 -20.60 3.89
CA SER A 41 10.86 -21.67 3.47
C SER A 41 9.60 -21.09 2.80
N VAL A 42 9.02 -20.06 3.42
CA VAL A 42 7.86 -19.37 2.86
C VAL A 42 8.18 -18.78 1.48
N LEU A 43 9.32 -18.11 1.37
CA LEU A 43 9.71 -17.50 0.09
C LEU A 43 9.85 -18.56 -1.00
N ASP A 44 10.44 -19.70 -0.66
CA ASP A 44 10.58 -20.77 -1.62
C ASP A 44 9.22 -21.28 -2.08
N GLN A 45 8.30 -21.45 -1.13
CA GLN A 45 6.97 -21.91 -1.46
C GLN A 45 6.22 -20.91 -2.34
N LEU A 46 6.36 -19.62 -2.04
CA LEU A 46 5.68 -18.61 -2.84
C LEU A 46 6.23 -18.55 -4.25
N GLN A 47 7.55 -18.64 -4.38
CA GLN A 47 8.16 -18.53 -5.69
C GLN A 47 7.83 -19.74 -6.57
N ASP A 48 7.54 -20.88 -5.94
CA ASP A 48 7.07 -22.05 -6.68
C ASP A 48 5.73 -21.80 -7.36
N LYS A 49 4.97 -20.83 -6.87
CA LYS A 49 3.67 -20.50 -7.45
C LYS A 49 3.81 -19.52 -8.61
N ASP A 50 5.06 -19.26 -9.01
CA ASP A 50 5.36 -18.43 -10.18
C ASP A 50 6.22 -19.27 -11.14
N PRO A 51 5.61 -20.30 -11.73
CA PRO A 51 6.44 -21.21 -12.53
C PRO A 51 7.01 -20.55 -13.79
N ALA A 52 6.40 -19.46 -14.25
CA ALA A 52 6.90 -18.75 -15.43
C ALA A 52 8.10 -17.85 -15.12
N ARG A 53 8.41 -17.69 -13.84
CA ARG A 53 9.49 -16.79 -13.36
C ARG A 53 9.29 -15.34 -13.81
N ILE A 54 8.03 -14.94 -13.90
CA ILE A 54 7.70 -13.57 -14.25
C ILE A 54 8.15 -12.58 -13.17
N PHE A 55 8.19 -13.03 -11.92
CA PHE A 55 8.49 -12.15 -10.79
C PHE A 55 9.85 -12.43 -10.17
N ALA A 56 10.66 -13.21 -10.87
CA ALA A 56 11.94 -13.66 -10.35
C ALA A 56 12.98 -12.54 -10.21
N GLN A 57 12.94 -11.56 -11.12
CA GLN A 57 13.97 -10.52 -11.19
C GLN A 57 13.36 -9.13 -11.26
N PRO A 58 14.13 -8.09 -10.92
CA PRO A 58 13.59 -6.72 -11.06
C PRO A 58 13.20 -6.44 -12.51
N VAL A 59 12.14 -5.66 -12.70
CA VAL A 59 11.84 -5.15 -14.03
C VAL A 59 13.04 -4.34 -14.54
N SER A 60 13.49 -4.64 -15.75
CA SER A 60 14.67 -3.98 -16.33
C SER A 60 14.36 -2.56 -16.82
N LEU A 61 15.14 -1.59 -16.35
CA LEU A 61 14.91 -0.21 -16.73
C LEU A 61 15.47 0.06 -18.12
N LYS A 62 16.29 -0.86 -18.61
CA LYS A 62 16.73 -0.78 -19.99
C LYS A 62 15.59 -1.17 -20.92
N GLU A 63 14.83 -2.19 -20.52
CA GLU A 63 13.76 -2.72 -21.34
C GLU A 63 12.41 -2.05 -21.09
N VAL A 64 12.25 -1.45 -19.91
CA VAL A 64 11.06 -0.65 -19.59
C VAL A 64 11.52 0.69 -19.02
N PRO A 65 11.98 1.60 -19.88
CA PRO A 65 12.64 2.80 -19.35
C PRO A 65 11.72 3.72 -18.54
N ASP A 66 10.41 3.65 -18.74
CA ASP A 66 9.50 4.54 -18.02
C ASP A 66 8.97 3.93 -16.72
N TYR A 67 9.48 2.76 -16.34
CA TYR A 67 8.84 2.01 -15.25
C TYR A 67 8.72 2.81 -13.95
N LEU A 68 9.74 3.58 -13.59
CA LEU A 68 9.72 4.26 -12.31
C LEU A 68 8.78 5.47 -12.32
N ASP A 69 8.33 5.89 -13.51
CA ASP A 69 7.31 6.92 -13.59
C ASP A 69 5.97 6.34 -13.12
N HIS A 70 5.83 5.03 -13.25
CA HIS A 70 4.59 4.33 -12.90
C HIS A 70 4.62 3.74 -11.51
N ILE A 71 5.71 3.05 -11.21
CA ILE A 71 5.82 2.23 -10.03
C ILE A 71 6.89 2.82 -9.11
N LYS A 72 6.46 3.29 -7.95
CA LYS A 72 7.38 4.00 -7.07
C LYS A 72 8.24 3.09 -6.18
N HIS A 73 7.77 1.87 -5.92
CA HIS A 73 8.54 0.94 -5.11
C HIS A 73 8.57 -0.45 -5.77
N PRO A 74 9.48 -0.61 -6.74
CA PRO A 74 9.62 -1.90 -7.43
C PRO A 74 9.98 -3.02 -6.47
N MET A 75 9.52 -4.22 -6.76
CA MET A 75 9.89 -5.38 -5.95
C MET A 75 9.88 -6.64 -6.80
N ASP A 76 10.63 -7.65 -6.38
CA ASP A 76 10.74 -8.92 -7.09
C ASP A 76 11.33 -9.97 -6.14
N PHE A 77 11.28 -11.25 -6.52
CA PHE A 77 11.75 -12.29 -5.61
C PHE A 77 13.27 -12.23 -5.33
N ALA A 78 14.09 -11.89 -6.34
CA ALA A 78 15.53 -11.79 -6.11
C ALA A 78 15.85 -10.71 -5.08
N THR A 79 15.16 -9.59 -5.16
CA THR A 79 15.39 -8.50 -4.22
C THR A 79 14.93 -8.91 -2.82
N MET A 80 13.82 -9.64 -2.72
CA MET A 80 13.37 -10.13 -1.40
C MET A 80 14.39 -11.10 -0.82
N ARG A 81 14.95 -11.95 -1.67
CA ARG A 81 15.90 -12.96 -1.19
C ARG A 81 17.17 -12.29 -0.65
N LYS A 82 17.60 -11.21 -1.30
CA LYS A 82 18.77 -10.45 -0.83
C LYS A 82 18.51 -9.85 0.55
N ARG A 83 17.34 -9.27 0.74
CA ARG A 83 16.99 -8.68 2.03
C ARG A 83 16.88 -9.78 3.09
N LEU A 84 16.29 -10.91 2.72
CA LEU A 84 16.14 -12.03 3.64
C LEU A 84 17.47 -12.57 4.15
N GLU A 85 18.43 -12.76 3.24
CA GLU A 85 19.70 -13.35 3.63
C GLU A 85 20.55 -12.39 4.46
N ALA A 86 20.23 -11.11 4.42
CA ALA A 86 20.83 -10.12 5.32
C ALA A 86 20.04 -10.01 6.61
N GLN A 87 19.13 -10.95 6.84
CA GLN A 87 18.21 -10.91 7.98
C GLN A 87 17.50 -9.56 8.10
N GLY A 88 17.07 -9.04 6.95
CA GLY A 88 16.46 -7.73 6.90
C GLY A 88 14.95 -7.66 7.12
N TYR A 89 14.30 -8.80 7.37
CA TYR A 89 12.88 -8.78 7.74
C TYR A 89 12.73 -9.06 9.23
N LYS A 90 12.29 -8.06 9.98
CA LYS A 90 12.21 -8.20 11.43
C LYS A 90 10.97 -8.95 11.88
N ASN A 91 9.96 -8.99 11.01
CA ASN A 91 8.71 -9.67 11.31
C ASN A 91 8.03 -10.11 10.01
N LEU A 92 6.96 -10.89 10.12
CA LEU A 92 6.25 -11.39 8.93
C LEU A 92 5.56 -10.26 8.16
N HIS A 93 5.08 -9.25 8.87
CA HIS A 93 4.40 -8.13 8.21
C HIS A 93 5.30 -7.45 7.16
N GLU A 94 6.57 -7.24 7.51
CA GLU A 94 7.49 -6.60 6.58
C GLU A 94 7.70 -7.44 5.33
N PHE A 95 7.78 -8.76 5.52
CA PHE A 95 7.92 -9.71 4.43
C PHE A 95 6.69 -9.70 3.54
N GLU A 96 5.51 -9.72 4.15
CA GLU A 96 4.26 -9.66 3.40
CA GLU A 96 4.26 -9.66 3.40
C GLU A 96 4.11 -8.36 2.61
N GLU A 97 4.59 -7.26 3.18
N GLU A 97 4.61 -7.25 3.15
CA GLU A 97 4.55 -5.97 2.49
CA GLU A 97 4.46 -5.98 2.43
C GLU A 97 5.24 -6.08 1.15
C GLU A 97 5.30 -5.96 1.15
N ASP A 98 6.44 -6.66 1.15
CA ASP A 98 7.23 -6.78 -0.07
C ASP A 98 6.56 -7.74 -1.06
N PHE A 99 6.03 -8.87 -0.58
CA PHE A 99 5.32 -9.78 -1.47
C PHE A 99 4.12 -9.08 -2.11
N ASP A 100 3.37 -8.32 -1.32
CA ASP A 100 2.22 -7.61 -1.88
C ASP A 100 2.65 -6.57 -2.93
N LEU A 101 3.82 -5.97 -2.76
CA LEU A 101 4.33 -5.04 -3.77
C LEU A 101 4.53 -5.72 -5.12
N ILE A 102 5.07 -6.95 -5.09
CA ILE A 102 5.26 -7.67 -6.34
C ILE A 102 3.93 -7.78 -7.10
N ILE A 103 2.91 -8.23 -6.39
CA ILE A 103 1.57 -8.43 -6.94
CA ILE A 103 1.60 -8.44 -6.98
C ILE A 103 0.93 -7.12 -7.37
N ASP A 104 0.91 -6.18 -6.44
CA ASP A 104 0.19 -4.93 -6.66
C ASP A 104 0.83 -4.06 -7.74
N ASN A 105 2.16 -4.03 -7.80
CA ASN A 105 2.85 -3.29 -8.87
C ASN A 105 2.44 -3.84 -10.24
N CYS A 106 2.44 -5.17 -10.34
CA CYS A 106 2.14 -5.82 -11.60
C CYS A 106 0.72 -5.54 -12.06
N MET A 107 -0.22 -5.57 -11.12
CA MET A 107 -1.63 -5.38 -11.46
C MET A 107 -1.96 -3.92 -11.77
N LYS A 108 -1.06 -3.00 -11.43
CA LYS A 108 -1.25 -1.62 -11.88
CA LYS A 108 -1.14 -1.59 -11.83
C LYS A 108 -0.62 -1.37 -13.25
N TYR A 109 0.62 -1.83 -13.45
CA TYR A 109 1.31 -1.53 -14.70
C TYR A 109 0.73 -2.29 -15.89
N ASN A 110 0.31 -3.52 -15.64
CA ASN A 110 -0.20 -4.36 -16.73
C ASN A 110 -1.71 -4.44 -16.72
N ALA A 111 -2.32 -4.52 -17.91
CA ALA A 111 -3.77 -4.62 -18.02
C ALA A 111 -4.28 -6.04 -17.74
N ARG A 112 -5.58 -6.16 -17.48
CA ARG A 112 -6.20 -7.44 -17.13
C ARG A 112 -6.03 -8.55 -18.16
N ASP A 113 -5.93 -8.18 -19.42
CA ASP A 113 -5.86 -9.18 -20.48
C ASP A 113 -4.43 -9.67 -20.77
N THR A 114 -3.49 -9.42 -19.86
CA THR A 114 -2.10 -9.78 -20.11
C THR A 114 -1.66 -10.97 -19.27
N VAL A 115 -0.68 -11.71 -19.79
CA VAL A 115 -0.14 -12.85 -19.08
C VAL A 115 0.50 -12.39 -17.76
N PHE A 116 0.99 -11.15 -17.72
CA PHE A 116 1.61 -10.63 -16.50
C PHE A 116 0.58 -10.44 -15.38
N TYR A 117 -0.51 -9.73 -15.68
CA TYR A 117 -1.55 -9.50 -14.68
C TYR A 117 -2.13 -10.82 -14.19
N ARG A 118 -2.37 -11.73 -15.12
CA ARG A 118 -2.99 -13.00 -14.77
C ARG A 118 -2.06 -13.84 -13.90
N ALA A 119 -0.75 -13.74 -14.15
CA ALA A 119 0.21 -14.47 -13.31
C ALA A 119 0.18 -13.91 -11.90
N ALA A 120 0.06 -12.60 -11.78
CA ALA A 120 -0.02 -11.98 -10.46
C ALA A 120 -1.27 -12.39 -9.67
N VAL A 121 -2.41 -12.49 -10.35
CA VAL A 121 -3.63 -12.94 -9.69
C VAL A 121 -3.46 -14.36 -9.15
N ARG A 122 -2.87 -15.23 -9.97
CA ARG A 122 -2.66 -16.62 -9.56
C ARG A 122 -1.66 -16.74 -8.41
N LEU A 123 -0.60 -15.93 -8.46
CA LEU A 123 0.38 -15.90 -7.38
C LEU A 123 -0.25 -15.40 -6.07
N ARG A 124 -1.06 -14.36 -6.16
CA ARG A 124 -1.78 -13.84 -5.00
CA ARG A 124 -1.75 -13.86 -4.96
C ARG A 124 -2.67 -14.90 -4.37
N ASP A 125 -3.47 -15.56 -5.20
CA ASP A 125 -4.44 -16.54 -4.72
C ASP A 125 -3.75 -17.74 -4.08
N GLN A 126 -2.76 -18.29 -4.76
CA GLN A 126 -2.05 -19.47 -4.26
C GLN A 126 -1.15 -19.10 -3.08
N GLY A 127 -0.61 -17.90 -3.11
CA GLY A 127 0.26 -17.44 -2.04
C GLY A 127 -0.48 -17.20 -0.73
N GLY A 128 -1.74 -16.81 -0.83
CA GLY A 128 -2.55 -16.54 0.34
C GLY A 128 -2.64 -17.75 1.25
N VAL A 129 -2.73 -18.93 0.62
CA VAL A 129 -2.79 -20.18 1.35
C VAL A 129 -1.52 -20.39 2.19
N VAL A 130 -0.38 -20.18 1.56
CA VAL A 130 0.92 -20.30 2.20
C VAL A 130 1.08 -19.30 3.36
N LEU A 131 0.68 -18.05 3.12
CA LEU A 131 0.86 -17.01 4.12
C LEU A 131 -0.08 -17.20 5.31
N ARG A 132 -1.25 -17.80 5.08
CA ARG A 132 -2.15 -18.08 6.18
C ARG A 132 -1.47 -18.97 7.23
N GLN A 133 -0.80 -20.03 6.77
CA GLN A 133 -0.18 -20.96 7.71
C GLN A 133 1.12 -20.38 8.28
N ALA A 134 1.82 -19.58 7.49
CA ALA A 134 3.02 -18.89 7.96
C ALA A 134 2.69 -18.02 9.17
N ARG A 135 1.58 -17.30 9.11
CA ARG A 135 1.18 -16.44 10.22
C ARG A 135 0.92 -17.25 11.47
N ARG A 136 0.22 -18.36 11.32
CA ARG A 136 -0.06 -19.22 12.47
C ARG A 136 1.23 -19.74 13.09
N GLU A 137 2.20 -20.12 12.25
CA GLU A 137 3.46 -20.67 12.73
C GLU A 137 4.33 -19.63 13.44
N VAL A 138 4.33 -18.41 12.93
CA VAL A 138 5.06 -17.33 13.56
C VAL A 138 4.47 -17.03 14.94
N ASP A 139 3.15 -16.96 15.01
CA ASP A 139 2.47 -16.76 16.29
C ASP A 139 2.70 -17.92 17.25
N SER A 140 2.51 -19.14 16.75
CA SER A 140 2.62 -20.34 17.57
C SER A 140 4.00 -20.48 18.21
N ILE A 141 5.05 -20.46 17.39
CA ILE A 141 6.40 -20.65 17.90
C ILE A 141 6.97 -19.36 18.49
N GLY A 142 6.29 -18.24 18.23
CA GLY A 142 6.67 -16.96 18.81
C GLY A 142 7.99 -16.41 18.27
N LEU A 143 7.98 -15.96 17.02
CA LEU A 143 9.22 -15.60 16.32
C LEU A 143 9.42 -14.10 16.10
N GLU A 144 8.55 -13.27 16.67
CA GLU A 144 8.64 -11.83 16.42
C GLU A 144 8.26 -11.02 17.65
N SER B 22 -9.57 18.04 33.28
CA SER B 22 -8.12 18.09 33.47
C SER B 22 -7.45 18.70 32.26
N MET B 23 -6.24 19.20 32.44
CA MET B 23 -5.50 19.77 31.32
C MET B 23 -5.07 18.71 30.32
N GLU B 24 -4.96 17.46 30.77
CA GLU B 24 -4.69 16.35 29.86
C GLU B 24 -5.85 16.18 28.87
N GLN B 25 -7.08 16.31 29.35
CA GLN B 25 -8.25 16.27 28.47
C GLN B 25 -8.27 17.44 27.52
N VAL B 26 -7.94 18.61 28.02
CA VAL B 26 -7.86 19.79 27.18
C VAL B 26 -6.85 19.58 26.04
N ALA B 27 -5.67 19.07 26.37
CA ALA B 27 -4.67 18.83 25.35
C ALA B 27 -5.12 17.81 24.31
N MET B 28 -5.75 16.72 24.74
CA MET B 28 -6.24 15.72 23.80
CA MET B 28 -6.25 15.71 23.81
C MET B 28 -7.30 16.28 22.86
N GLU B 29 -8.22 17.07 23.39
CA GLU B 29 -9.25 17.65 22.53
C GLU B 29 -8.63 18.66 21.55
N LEU B 30 -7.62 19.41 21.98
CA LEU B 30 -6.90 20.31 21.06
C LEU B 30 -6.20 19.53 19.95
N ARG B 31 -5.58 18.41 20.30
CA ARG B 31 -4.89 17.62 19.26
C ARG B 31 -5.91 17.08 18.27
N LEU B 32 -7.07 16.65 18.76
CA LEU B 32 -8.15 16.17 17.89
C LEU B 32 -8.61 17.27 16.93
N THR B 33 -8.86 18.46 17.46
CA THR B 33 -9.42 19.50 16.60
C THR B 33 -8.38 20.04 15.62
N GLU B 34 -7.12 20.06 16.04
CA GLU B 34 -6.07 20.52 15.15
C GLU B 34 -5.78 19.51 14.05
N LEU B 35 -5.77 18.22 14.39
CA LEU B 35 -5.65 17.20 13.34
C LEU B 35 -6.79 17.32 12.33
N THR B 36 -8.00 17.56 12.82
CA THR B 36 -9.15 17.62 11.93
C THR B 36 -9.05 18.84 11.01
N ARG B 37 -8.60 19.98 11.55
CA ARG B 37 -8.38 21.17 10.75
CA ARG B 37 -8.36 21.17 10.76
C ARG B 37 -7.35 20.89 9.64
N LEU B 38 -6.27 20.23 9.99
CA LEU B 38 -5.25 19.90 9.00
C LEU B 38 -5.78 18.97 7.91
N LEU B 39 -6.45 17.89 8.31
CA LEU B 39 -6.96 16.93 7.32
C LEU B 39 -8.04 17.56 6.43
N ARG B 40 -8.86 18.45 6.98
CA ARG B 40 -9.86 19.14 6.18
C ARG B 40 -9.17 19.97 5.09
N SER B 41 -8.08 20.63 5.47
CA SER B 41 -7.31 21.42 4.51
C SER B 41 -6.68 20.53 3.44
N VAL B 42 -6.09 19.43 3.86
CA VAL B 42 -5.51 18.50 2.91
C VAL B 42 -6.57 17.99 1.93
N LEU B 43 -7.71 17.55 2.45
CA LEU B 43 -8.75 17.03 1.57
C LEU B 43 -9.27 18.08 0.59
N ASP B 44 -9.43 19.32 1.05
N ASP B 44 -9.39 19.32 1.06
CA ASP B 44 -9.86 20.39 0.16
CA ASP B 44 -9.82 20.43 0.22
C ASP B 44 -8.83 20.62 -0.94
C ASP B 44 -8.84 20.66 -0.92
N GLN B 45 -7.55 20.62 -0.58
CA GLN B 45 -6.48 20.76 -1.56
C GLN B 45 -6.49 19.64 -2.59
N LEU B 46 -6.70 18.40 -2.16
CA LEU B 46 -6.70 17.28 -3.09
C LEU B 46 -7.89 17.36 -4.04
N GLN B 47 -9.08 17.63 -3.52
CA GLN B 47 -10.27 17.76 -4.38
C GLN B 47 -10.18 18.91 -5.38
N ASP B 48 -9.56 20.01 -5.00
CA ASP B 48 -9.43 21.14 -5.92
CA ASP B 48 -9.39 21.15 -5.90
C ASP B 48 -8.58 20.77 -7.13
N LYS B 49 -7.79 19.70 -7.03
CA LYS B 49 -6.95 19.24 -8.12
C LYS B 49 -7.70 18.28 -9.06
N ASP B 50 -8.96 18.02 -8.75
CA ASP B 50 -9.75 17.07 -9.52
C ASP B 50 -11.06 17.73 -10.02
N PRO B 51 -10.93 18.76 -10.88
CA PRO B 51 -12.15 19.43 -11.36
C PRO B 51 -13.05 18.54 -12.23
N ALA B 52 -12.49 17.48 -12.83
CA ALA B 52 -13.29 16.55 -13.61
C ALA B 52 -14.11 15.61 -12.72
N ARG B 53 -13.90 15.72 -11.41
CA ARG B 53 -14.63 14.92 -10.41
CA ARG B 53 -14.62 14.92 -10.40
C ARG B 53 -14.48 13.41 -10.64
N ILE B 54 -13.33 12.99 -11.15
CA ILE B 54 -13.08 11.58 -11.38
C ILE B 54 -13.09 10.78 -10.07
N PHE B 55 -12.59 11.40 -9.01
CA PHE B 55 -12.47 10.75 -7.70
C PHE B 55 -13.45 11.28 -6.65
N ALA B 56 -14.42 12.07 -7.08
CA ALA B 56 -15.29 12.77 -6.13
C ALA B 56 -16.31 11.90 -5.41
N GLN B 57 -16.80 10.87 -6.09
CA GLN B 57 -17.92 10.06 -5.62
C GLN B 57 -17.63 8.60 -5.85
N PRO B 58 -18.31 7.71 -5.11
CA PRO B 58 -18.12 6.28 -5.38
C PRO B 58 -18.42 5.95 -6.83
N VAL B 59 -17.65 5.02 -7.39
CA VAL B 59 -17.89 4.54 -8.74
C VAL B 59 -19.30 3.94 -8.82
N SER B 60 -20.01 4.26 -9.89
CA SER B 60 -21.37 3.76 -10.11
C SER B 60 -21.34 2.38 -10.74
N LEU B 61 -21.95 1.40 -10.07
CA LEU B 61 -22.04 0.05 -10.62
C LEU B 61 -22.97 0.00 -11.82
N LYS B 62 -23.86 0.97 -11.96
CA LYS B 62 -24.67 1.08 -13.16
C LYS B 62 -23.79 1.39 -14.36
N GLU B 63 -22.88 2.36 -14.19
CA GLU B 63 -21.98 2.77 -15.26
C GLU B 63 -20.82 1.79 -15.44
N VAL B 64 -20.40 1.15 -14.34
CA VAL B 64 -19.25 0.26 -14.37
C VAL B 64 -19.60 -1.08 -13.71
N PRO B 65 -20.37 -1.93 -14.41
CA PRO B 65 -20.92 -3.14 -13.81
C PRO B 65 -19.89 -4.13 -13.25
N ASP B 66 -18.67 -4.12 -13.79
CA ASP B 66 -17.68 -5.10 -13.36
C ASP B 66 -16.70 -4.57 -12.31
N TYR B 67 -16.98 -3.39 -11.73
CA TYR B 67 -15.98 -2.75 -10.87
C TYR B 67 -15.60 -3.63 -9.66
N LEU B 68 -16.60 -4.23 -9.02
CA LEU B 68 -16.32 -5.02 -7.83
C LEU B 68 -15.80 -6.42 -8.15
N ASP B 69 -15.79 -6.80 -9.43
CA ASP B 69 -15.10 -8.02 -9.84
C ASP B 69 -13.61 -7.87 -9.54
N HIS B 70 -13.13 -6.63 -9.59
CA HIS B 70 -11.69 -6.37 -9.54
C HIS B 70 -11.21 -5.56 -8.35
N ILE B 71 -12.05 -4.66 -7.86
CA ILE B 71 -11.62 -3.78 -6.78
C ILE B 71 -12.29 -4.21 -5.46
N LYS B 72 -11.46 -4.54 -4.48
CA LYS B 72 -11.95 -5.09 -3.21
C LYS B 72 -12.52 -4.02 -2.29
N HIS B 73 -11.87 -2.86 -2.24
CA HIS B 73 -12.27 -1.81 -1.31
C HIS B 73 -12.35 -0.45 -2.01
N PRO B 74 -13.51 -0.14 -2.60
CA PRO B 74 -13.71 1.16 -3.26
C PRO B 74 -13.47 2.32 -2.31
N MET B 75 -13.01 3.43 -2.87
CA MET B 75 -12.82 4.64 -2.06
C MET B 75 -12.91 5.86 -2.95
N ASP B 76 -13.27 7.00 -2.36
CA ASP B 76 -13.51 8.24 -3.08
C ASP B 76 -13.48 9.39 -2.10
N PHE B 77 -13.42 10.63 -2.60
CA PHE B 77 -13.26 11.80 -1.73
C PHE B 77 -14.48 12.05 -0.86
N ALA B 78 -15.68 11.75 -1.34
CA ALA B 78 -16.90 12.01 -0.54
C ALA B 78 -16.93 11.09 0.67
N THR B 79 -16.53 9.84 0.45
CA THR B 79 -16.46 8.86 1.52
C THR B 79 -15.38 9.26 2.53
N MET B 80 -14.25 9.78 2.04
CA MET B 80 -13.23 10.28 2.96
C MET B 80 -13.74 11.48 3.77
N ARG B 81 -14.48 12.39 3.13
CA ARG B 81 -14.99 13.55 3.84
C ARG B 81 -15.97 13.12 4.94
N LYS B 82 -16.81 12.14 4.63
CA LYS B 82 -17.76 11.61 5.62
C LYS B 82 -17.02 11.05 6.83
N ARG B 83 -15.98 10.27 6.58
CA ARG B 83 -15.19 9.67 7.66
C ARG B 83 -14.50 10.76 8.47
N LEU B 84 -13.96 11.76 7.79
CA LEU B 84 -13.27 12.86 8.45
C LEU B 84 -14.19 13.61 9.39
N GLU B 85 -15.35 14.01 8.88
CA GLU B 85 -16.21 14.88 9.68
C GLU B 85 -16.91 14.11 10.78
N ALA B 86 -16.93 12.79 10.67
CA ALA B 86 -17.47 11.92 11.73
C ALA B 86 -16.44 11.52 12.79
N GLN B 87 -15.26 12.16 12.75
CA GLN B 87 -14.17 11.85 13.66
C GLN B 87 -13.63 10.42 13.51
N GLY B 88 -13.62 9.91 12.28
CA GLY B 88 -13.18 8.55 12.00
C GLY B 88 -11.71 8.40 11.61
N TYR B 89 -11.00 9.51 11.49
CA TYR B 89 -9.54 9.43 11.30
C TYR B 89 -8.81 9.75 12.59
N LYS B 90 -8.11 8.74 13.13
CA LYS B 90 -7.39 8.89 14.39
C LYS B 90 -6.04 9.58 14.22
N ASN B 91 -5.47 9.46 13.02
CA ASN B 91 -4.17 10.05 12.73
C ASN B 91 -4.01 10.26 11.23
N LEU B 92 -2.92 10.92 10.84
CA LEU B 92 -2.66 11.21 9.42
C LEU B 92 -2.50 9.94 8.61
N HIS B 93 -1.89 8.91 9.20
CA HIS B 93 -1.65 7.67 8.47
C HIS B 93 -2.95 7.03 7.98
N GLU B 94 -4.00 7.02 8.81
CA GLU B 94 -5.29 6.45 8.41
C GLU B 94 -5.86 7.19 7.19
N PHE B 95 -5.70 8.51 7.19
CA PHE B 95 -6.13 9.35 6.06
C PHE B 95 -5.31 9.01 4.81
N GLU B 96 -4.00 8.92 4.98
CA GLU B 96 -3.11 8.55 3.87
CA GLU B 96 -3.10 8.56 3.86
C GLU B 96 -3.51 7.22 3.24
N GLU B 97 -3.84 6.25 4.07
CA GLU B 97 -4.23 4.92 3.56
C GLU B 97 -5.46 5.01 2.67
N ASP B 98 -6.44 5.81 3.05
CA ASP B 98 -7.64 5.97 2.22
C ASP B 98 -7.31 6.70 0.89
N PHE B 99 -6.45 7.72 0.93
CA PHE B 99 -6.03 8.39 -0.30
C PHE B 99 -5.30 7.39 -1.22
N ASP B 100 -4.42 6.59 -0.65
CA ASP B 100 -3.72 5.58 -1.45
C ASP B 100 -4.71 4.60 -2.08
N LEU B 101 -5.81 4.29 -1.40
CA LEU B 101 -6.81 3.38 -1.98
C LEU B 101 -7.40 3.99 -3.23
N ILE B 102 -7.71 5.28 -3.17
CA ILE B 102 -8.27 5.96 -4.34
C ILE B 102 -7.33 5.82 -5.54
N ILE B 103 -6.07 6.14 -5.33
CA ILE B 103 -5.05 6.07 -6.38
C ILE B 103 -4.81 4.63 -6.86
N ASP B 104 -4.61 3.73 -5.92
CA ASP B 104 -4.29 2.35 -6.27
C ASP B 104 -5.44 1.67 -6.98
N ASN B 105 -6.67 1.88 -6.53
CA ASN B 105 -7.82 1.30 -7.22
C ASN B 105 -7.91 1.75 -8.67
N CYS B 106 -7.66 3.04 -8.89
CA CYS B 106 -7.73 3.61 -10.23
C CYS B 106 -6.65 3.06 -11.14
N MET B 107 -5.44 2.94 -10.60
CA MET B 107 -4.32 2.44 -11.40
C MET B 107 -4.46 0.95 -11.69
N LYS B 108 -5.13 0.21 -10.78
CA LYS B 108 -5.40 -1.21 -11.00
CA LYS B 108 -5.40 -1.20 -11.01
C LYS B 108 -6.52 -1.43 -12.00
N TYR B 109 -7.60 -0.67 -11.86
CA TYR B 109 -8.78 -0.87 -12.71
C TYR B 109 -8.56 -0.40 -14.14
N ASN B 110 -7.83 0.70 -14.31
CA ASN B 110 -7.64 1.29 -15.63
C ASN B 110 -6.29 0.90 -16.25
N ALA B 111 -6.28 0.70 -17.57
CA ALA B 111 -5.03 0.43 -18.26
C ALA B 111 -4.10 1.65 -18.23
N ARG B 112 -2.79 1.42 -18.30
CA ARG B 112 -1.86 2.52 -18.07
C ARG B 112 -1.92 3.62 -19.14
N ASP B 113 -2.25 3.25 -20.38
CA ASP B 113 -2.35 4.24 -21.45
C ASP B 113 -3.80 4.73 -21.57
N THR B 114 -4.30 5.33 -20.50
CA THR B 114 -5.66 5.89 -20.45
C THR B 114 -5.67 7.19 -19.67
N VAL B 115 -6.69 8.02 -19.92
CA VAL B 115 -6.83 9.30 -19.26
C VAL B 115 -7.04 9.15 -17.75
N PHE B 116 -7.89 8.21 -17.34
CA PHE B 116 -8.13 8.03 -15.90
C PHE B 116 -6.89 7.51 -15.17
N TYR B 117 -6.13 6.58 -15.77
CA TYR B 117 -4.90 6.12 -15.12
C TYR B 117 -3.92 7.30 -14.96
N ARG B 118 -3.76 8.09 -16.01
CA ARG B 118 -2.86 9.24 -15.91
C ARG B 118 -3.36 10.26 -14.89
N ALA B 119 -4.67 10.38 -14.71
CA ALA B 119 -5.20 11.27 -13.68
C ALA B 119 -4.79 10.79 -12.28
N ALA B 120 -4.82 9.48 -12.06
CA ALA B 120 -4.38 8.93 -10.79
C ALA B 120 -2.88 9.17 -10.56
N VAL B 121 -2.07 9.00 -11.61
CA VAL B 121 -0.64 9.28 -11.48
C VAL B 121 -0.40 10.76 -11.16
N ARG B 122 -1.14 11.65 -11.81
CA ARG B 122 -1.04 13.08 -11.55
C ARG B 122 -1.41 13.41 -10.10
N LEU B 123 -2.54 12.88 -9.63
CA LEU B 123 -2.98 13.14 -8.28
C LEU B 123 -2.08 12.50 -7.23
N ARG B 124 -1.48 11.35 -7.57
CA ARG B 124 -0.54 10.70 -6.67
C ARG B 124 0.67 11.61 -6.44
N ASP B 125 1.19 12.19 -7.51
N ASP B 125 1.15 12.25 -7.49
CA ASP B 125 2.33 13.12 -7.46
CA ASP B 125 2.37 13.04 -7.37
C ASP B 125 1.99 14.32 -6.60
C ASP B 125 2.11 14.42 -6.76
N GLN B 126 0.92 14.99 -6.99
CA GLN B 126 0.52 16.22 -6.32
C GLN B 126 0.12 15.93 -4.87
N GLY B 127 -0.59 14.83 -4.67
CA GLY B 127 -1.04 14.46 -3.33
C GLY B 127 0.11 14.08 -2.43
N GLY B 128 1.13 13.44 -2.99
CA GLY B 128 2.32 13.06 -2.24
C GLY B 128 2.97 14.28 -1.62
N VAL B 129 3.08 15.34 -2.40
CA VAL B 129 3.69 16.57 -1.90
C VAL B 129 2.82 17.18 -0.79
N VAL B 130 1.51 17.23 -1.00
CA VAL B 130 0.61 17.78 0.01
C VAL B 130 0.71 16.96 1.31
N LEU B 131 0.78 15.64 1.18
CA LEU B 131 0.80 14.78 2.37
C LEU B 131 2.14 14.84 3.10
N ARG B 132 3.24 15.01 2.36
CA ARG B 132 4.53 15.20 3.04
C ARG B 132 4.53 16.53 3.82
N GLN B 133 3.90 17.57 3.27
CA GLN B 133 3.77 18.85 3.98
C GLN B 133 2.88 18.67 5.21
N ALA B 134 1.80 17.89 5.06
CA ALA B 134 0.95 17.59 6.20
C ALA B 134 1.73 16.88 7.32
N ARG B 135 2.64 15.98 6.95
CA ARG B 135 3.44 15.28 7.96
C ARG B 135 4.35 16.27 8.69
N ARG B 136 4.94 17.20 7.95
CA ARG B 136 5.73 18.27 8.57
C ARG B 136 4.88 19.08 9.57
N GLU B 137 3.63 19.36 9.20
CA GLU B 137 2.75 20.10 10.10
C GLU B 137 2.35 19.28 11.33
N VAL B 138 2.09 18.00 11.16
CA VAL B 138 1.81 17.11 12.29
C VAL B 138 2.96 17.20 13.29
N ASP B 139 4.18 17.19 12.78
CA ASP B 139 5.36 17.26 13.65
C ASP B 139 5.50 18.63 14.33
N SER B 140 5.29 19.69 13.56
CA SER B 140 5.45 21.05 14.06
C SER B 140 4.37 21.38 15.10
N ILE B 141 3.14 20.95 14.85
CA ILE B 141 2.02 21.24 15.75
C ILE B 141 2.03 20.35 16.99
N GLY B 142 2.65 19.17 16.87
CA GLY B 142 2.76 18.21 17.96
C GLY B 142 1.58 17.26 18.09
N LEU B 143 1.06 16.81 16.95
CA LEU B 143 -0.18 16.03 16.95
C LEU B 143 0.02 14.55 17.24
N GLU B 144 1.27 14.07 17.21
CA GLU B 144 1.54 12.69 17.57
C GLU B 144 2.55 12.57 18.72
#